data_3SV0
#
_entry.id   3SV0
#
_cell.length_a   108.828
_cell.length_b   69.604
_cell.length_c   55.849
_cell.angle_alpha   90.00
_cell.angle_beta   109.47
_cell.angle_gamma   90.00
#
_symmetry.space_group_name_H-M   'C 1 2 1'
#
loop_
_entity.id
_entity.type
_entity.pdbx_description
1 polymer 'Casein kinase I-like'
2 water water
#
_entity_poly.entity_id   1
_entity_poly.type   'polypeptide(L)'
_entity_poly.pdbx_seq_one_letter_code
;MEPRVGNKFRLGRKIGSGSFGEIYLGTNIQTNEEVAIKLENVKTKHPQLLYESKIYRILQGGTGIPNVRWFGVEGDYNVL
VMDLLGPSLEDLFNFCSRKLSLKTVLMLADQMINRVEFVHSKSFLHRDIKPDNFLMGLGRRANQVYIIDFGLAKKYRDTS
THQHIPYRENKNLTGTARYASVNTHLGIEQSRRDDLESLGYVLMYFLRGSLPWQGLKAGTKKQKYEKISEKKVATSIEAL
CRGYPTEFASYFHYCRSLRFDDKPDYSYLKRLFRDLFIREGFQFDYVFDWTILKYQQSQIASAPPRAVGHGAGPSGLAPP
ALQNDRQSGVDEGRTSGWSSMDRRRAPPPIASVGTLAKQKAPVGNDASFSKEPVISASNFLGRSSGSSRRPAVSSSRDVM
PIDTSEPSRTRATDASPGAFRRTSGPQKSSPVNSAEPKHSSSARHSSNVKNYESALKGIEGLNFDGDERVQYAAALEHHH
HHH
;
_entity_poly.pdbx_strand_id   A
#
# COMPACT_ATOMS: atom_id res chain seq x y z
N GLU A 2 -8.22 24.19 23.92
CA GLU A 2 -8.86 24.83 22.73
C GLU A 2 -9.70 23.76 21.97
N PRO A 3 -9.59 23.67 20.60
CA PRO A 3 -10.19 22.52 19.91
C PRO A 3 -9.78 21.12 20.43
N ARG A 4 -10.78 20.33 20.83
CA ARG A 4 -10.60 18.96 21.33
C ARG A 4 -11.47 17.98 20.53
N VAL A 5 -11.00 16.74 20.39
CA VAL A 5 -11.76 15.66 19.77
C VAL A 5 -12.09 14.68 20.86
N GLY A 6 -13.36 14.28 20.91
CA GLY A 6 -13.92 13.65 22.08
C GLY A 6 -13.63 14.65 23.19
N ASN A 7 -13.41 14.15 24.38
CA ASN A 7 -12.89 15.08 25.36
C ASN A 7 -11.47 14.63 25.70
N LYS A 8 -10.74 14.08 24.71
CA LYS A 8 -9.45 13.37 24.99
C LYS A 8 -8.22 13.77 24.17
N PHE A 9 -8.42 14.34 22.98
CA PHE A 9 -7.30 14.81 22.15
C PHE A 9 -7.48 16.27 21.78
N ARG A 10 -6.38 16.97 21.58
CA ARG A 10 -6.39 18.35 21.09
C ARG A 10 -5.91 18.29 19.64
N LEU A 11 -6.47 19.11 18.74
CA LEU A 11 -6.03 19.20 17.32
C LEU A 11 -4.94 20.25 17.06
N GLY A 12 -3.98 20.00 16.16
CA GLY A 12 -2.94 21.00 15.87
C GLY A 12 -2.48 21.19 14.42
N ARG A 13 -1.18 21.33 14.21
CA ARG A 13 -0.59 21.45 12.86
C ARG A 13 -1.30 20.55 11.85
N LYS A 14 -1.71 21.12 10.72
CA LYS A 14 -2.17 20.35 9.56
C LYS A 14 -1.06 19.61 8.82
N ILE A 15 -0.65 18.45 9.33
CA ILE A 15 0.41 17.68 8.69
C ILE A 15 0.09 17.00 7.34
N GLY A 16 -0.99 17.43 6.68
CA GLY A 16 -1.28 16.90 5.33
C GLY A 16 -2.73 16.60 5.05
N SER A 17 -2.97 15.78 4.02
CA SER A 17 -4.33 15.38 3.62
C SER A 17 -4.37 14.01 2.92
N GLY A 18 -5.39 13.78 2.10
CA GLY A 18 -5.62 12.52 1.42
C GLY A 18 -6.98 12.60 0.73
N SER A 19 -7.40 11.51 0.08
CA SER A 19 -8.68 11.49 -0.65
C SER A 19 -9.89 11.84 0.25
N PHE A 20 -10.00 11.17 1.40
CA PHE A 20 -11.04 11.45 2.41
C PHE A 20 -11.17 12.94 2.83
N GLY A 21 -10.03 13.61 3.00
CA GLY A 21 -9.97 14.96 3.55
C GLY A 21 -8.65 15.21 4.26
N GLU A 22 -8.71 15.78 5.46
CA GLU A 22 -7.52 16.35 6.08
C GLU A 22 -6.90 15.53 7.23
N ILE A 23 -5.58 15.73 7.41
CA ILE A 23 -4.79 15.09 8.47
C ILE A 23 -4.16 16.14 9.38
N TYR A 24 -4.40 16.01 10.69
CA TYR A 24 -3.88 16.93 11.72
C TYR A 24 -3.00 16.22 12.76
N LEU A 25 -2.11 16.97 13.41
CA LEU A 25 -1.25 16.42 14.44
C LEU A 25 -1.87 16.67 15.81
N GLY A 26 -2.38 15.61 16.46
CA GLY A 26 -3.09 15.82 17.70
C GLY A 26 -2.27 15.38 18.89
N THR A 27 -2.75 15.64 20.10
CA THR A 27 -2.08 15.14 21.28
C THR A 27 -3.07 14.59 22.29
N ASN A 28 -2.82 13.39 22.80
CA ASN A 28 -3.63 12.90 23.89
C ASN A 28 -3.49 13.83 25.11
N ILE A 29 -4.61 14.20 25.72
CA ILE A 29 -4.60 15.20 26.84
C ILE A 29 -4.03 14.66 28.17
N GLN A 30 -4.34 13.42 28.52
CA GLN A 30 -3.81 12.84 29.76
C GLN A 30 -2.32 12.47 29.69
N THR A 31 -1.86 12.02 28.51
CA THR A 31 -0.55 11.38 28.37
C THR A 31 0.44 12.23 27.57
N ASN A 32 -0.10 13.19 26.84
CA ASN A 32 0.65 14.08 25.96
C ASN A 32 1.25 13.40 24.75
N GLU A 33 0.87 12.15 24.50
CA GLU A 33 1.29 11.41 23.30
C GLU A 33 0.73 12.01 22.03
N GLU A 34 1.57 12.19 21.03
CA GLU A 34 1.12 12.68 19.72
C GLU A 34 0.49 11.59 18.86
N VAL A 35 -0.57 11.95 18.16
CA VAL A 35 -1.36 10.96 17.44
C VAL A 35 -1.72 11.65 16.12
N ALA A 36 -2.23 10.89 15.15
CA ALA A 36 -2.72 11.46 13.91
C ALA A 36 -4.25 11.58 13.97
N ILE A 37 -4.77 12.74 13.59
CA ILE A 37 -6.21 12.96 13.55
C ILE A 37 -6.64 13.14 12.07
N LYS A 38 -7.50 12.26 11.59
CA LYS A 38 -8.04 12.35 10.23
C LYS A 38 -9.51 12.77 10.31
N LEU A 39 -9.85 13.81 9.54
CA LEU A 39 -11.18 14.42 9.51
C LEU A 39 -11.77 14.29 8.09
N GLU A 40 -13.02 13.85 8.03
CA GLU A 40 -13.70 13.63 6.76
C GLU A 40 -15.08 14.25 6.88
N ASN A 41 -15.38 15.17 5.97
CA ASN A 41 -16.70 15.77 5.91
C ASN A 41 -17.80 14.72 5.76
N VAL A 42 -18.78 14.71 6.66
CA VAL A 42 -19.87 13.72 6.61
C VAL A 42 -20.63 13.75 5.29
N LYS A 43 -20.48 14.84 4.56
CA LYS A 43 -21.12 14.98 3.25
C LYS A 43 -20.38 14.22 2.12
N THR A 44 -19.06 13.95 2.23
CA THR A 44 -18.31 13.42 1.05
C THR A 44 -19.00 12.26 0.33
N LYS A 45 -18.62 12.09 -0.93
CA LYS A 45 -19.30 11.16 -1.84
C LYS A 45 -18.85 9.75 -1.54
N HIS A 46 -17.58 9.61 -1.21
CA HIS A 46 -17.06 8.30 -0.83
C HIS A 46 -16.50 8.44 0.59
N PRO A 47 -17.35 8.27 1.63
CA PRO A 47 -16.86 8.26 3.01
C PRO A 47 -16.06 6.99 3.27
N GLN A 48 -14.93 7.11 3.96
CA GLN A 48 -14.12 5.89 4.21
C GLN A 48 -13.68 5.71 5.64
N LEU A 49 -13.76 6.77 6.45
CA LEU A 49 -13.17 6.71 7.78
C LEU A 49 -13.81 5.67 8.70
N LEU A 50 -15.12 5.49 8.61
CA LEU A 50 -15.80 4.57 9.51
C LEU A 50 -15.45 3.15 9.08
N TYR A 51 -15.57 2.91 7.78
CA TYR A 51 -15.15 1.63 7.22
C TYR A 51 -13.75 1.27 7.59
N GLU A 52 -12.83 2.22 7.50
CA GLU A 52 -11.44 1.96 7.94
C GLU A 52 -11.36 1.60 9.43
N SER A 53 -12.12 2.30 10.26
CA SER A 53 -12.01 2.02 11.70
C SER A 53 -12.33 0.57 11.94
N LYS A 54 -13.29 0.04 11.19
CA LYS A 54 -13.67 -1.37 11.33
C LYS A 54 -12.61 -2.34 10.78
N ILE A 55 -12.05 -2.01 9.62
CA ILE A 55 -10.99 -2.85 9.08
C ILE A 55 -9.77 -2.86 9.99
N TYR A 56 -9.37 -1.68 10.48
CA TYR A 56 -8.23 -1.64 11.41
C TYR A 56 -8.47 -2.43 12.71
N ARG A 57 -9.72 -2.46 13.19
CA ARG A 57 -10.06 -3.38 14.31
C ARG A 57 -9.86 -4.83 13.94
N ILE A 58 -10.32 -5.22 12.74
CA ILE A 58 -10.09 -6.57 12.29
C ILE A 58 -8.58 -6.92 12.18
N LEU A 59 -7.78 -5.95 11.75
CA LEU A 59 -6.35 -6.21 11.52
C LEU A 59 -5.46 -5.98 12.74
N GLN A 60 -6.07 -5.59 13.85
CA GLN A 60 -5.28 -5.11 14.98
C GLN A 60 -4.35 -6.21 15.46
N GLY A 61 -3.12 -5.83 15.76
CA GLY A 61 -2.10 -6.77 16.26
C GLY A 61 -1.15 -7.34 15.22
N GLY A 62 -1.57 -7.34 13.93
CA GLY A 62 -0.61 -7.64 12.85
C GLY A 62 0.64 -6.76 12.85
N THR A 63 1.80 -7.33 12.52
CA THR A 63 3.00 -6.49 12.36
C THR A 63 2.76 -5.39 11.30
N GLY A 64 3.14 -4.16 11.59
CA GLY A 64 3.03 -3.07 10.61
C GLY A 64 1.57 -2.65 10.36
N ILE A 65 0.68 -2.93 11.31
CA ILE A 65 -0.68 -2.41 11.17
C ILE A 65 -0.83 -1.36 12.27
N PRO A 66 -1.05 -0.08 11.91
CA PRO A 66 -1.10 0.91 12.99
C PRO A 66 -2.42 0.75 13.80
N ASN A 67 -2.41 1.25 15.04
CA ASN A 67 -3.61 1.16 15.89
C ASN A 67 -4.53 2.37 15.73
N VAL A 68 -5.84 2.13 15.82
CA VAL A 68 -6.78 3.24 15.90
C VAL A 68 -6.97 3.58 17.39
N ARG A 69 -6.98 4.86 17.73
CA ARG A 69 -7.20 5.24 19.14
C ARG A 69 -8.63 5.63 19.41
N TRP A 70 -9.28 6.18 18.39
CA TRP A 70 -10.66 6.72 18.58
C TRP A 70 -11.33 6.93 17.25
N PHE A 71 -12.63 6.66 17.21
CA PHE A 71 -13.42 7.05 16.05
C PHE A 71 -14.73 7.66 16.50
N GLY A 72 -15.18 8.71 15.82
CA GLY A 72 -16.57 9.16 16.04
C GLY A 72 -16.88 10.34 15.17
N VAL A 73 -18.18 10.59 15.02
CA VAL A 73 -18.72 11.71 14.29
C VAL A 73 -18.80 12.84 15.30
N GLU A 74 -18.23 13.98 14.96
CA GLU A 74 -18.35 15.15 15.82
C GLU A 74 -18.72 16.29 14.88
N GLY A 75 -19.92 16.86 15.11
CA GLY A 75 -20.43 17.98 14.30
C GLY A 75 -20.53 17.50 12.85
N ASP A 76 -19.83 18.20 11.95
CA ASP A 76 -19.84 17.85 10.54
C ASP A 76 -18.75 16.88 10.03
N TYR A 77 -17.95 16.30 10.92
CA TYR A 77 -16.89 15.37 10.47
C TYR A 77 -16.98 13.98 11.09
N ASN A 78 -16.63 12.96 10.33
CA ASN A 78 -16.17 11.69 10.87
C ASN A 78 -14.72 11.94 11.23
N VAL A 79 -14.35 11.52 12.44
CA VAL A 79 -13.00 11.76 13.00
C VAL A 79 -12.31 10.45 13.32
N LEU A 80 -11.16 10.17 12.70
CA LEU A 80 -10.41 8.94 13.02
C LEU A 80 -9.09 9.34 13.60
N VAL A 81 -8.86 8.97 14.86
CA VAL A 81 -7.59 9.23 15.54
C VAL A 81 -6.78 7.97 15.57
N MET A 82 -5.51 8.03 15.11
CA MET A 82 -4.68 6.82 15.08
C MET A 82 -3.20 7.06 15.39
N ASP A 83 -2.42 5.99 15.51
CA ASP A 83 -0.96 6.14 15.70
C ASP A 83 -0.41 7.10 14.63
N LEU A 84 0.55 7.93 15.05
CA LEU A 84 1.38 8.71 14.14
C LEU A 84 2.48 7.81 13.55
N LEU A 85 2.76 7.94 12.26
CA LEU A 85 3.76 7.12 11.62
C LEU A 85 4.79 8.05 10.95
N GLY A 86 5.85 7.51 10.39
CA GLY A 86 6.89 8.29 9.71
C GLY A 86 6.61 8.52 8.23
N PRO A 87 7.66 8.84 7.47
CA PRO A 87 7.44 9.19 6.05
C PRO A 87 6.94 7.97 5.23
N SER A 88 6.20 8.25 4.17
CA SER A 88 5.75 7.21 3.24
C SER A 88 6.93 6.81 2.34
N LEU A 89 6.83 5.64 1.72
CA LEU A 89 7.87 5.19 0.78
C LEU A 89 7.97 6.16 -0.40
N GLU A 90 6.90 6.82 -0.76
CA GLU A 90 7.03 7.80 -1.90
C GLU A 90 7.88 9.01 -1.44
N ASP A 91 7.65 9.47 -0.20
CA ASP A 91 8.45 10.51 0.42
C ASP A 91 9.90 10.10 0.47
N LEU A 92 10.17 8.86 0.91
CA LEU A 92 11.53 8.46 1.04
C LEU A 92 12.18 8.19 -0.34
N PHE A 93 11.37 7.72 -1.28
CA PHE A 93 11.87 7.54 -2.65
C PHE A 93 12.41 8.90 -3.20
N ASN A 94 11.67 9.97 -2.91
CA ASN A 94 12.06 11.35 -3.28
C ASN A 94 13.32 11.80 -2.62
N PHE A 95 13.41 11.58 -1.30
CA PHE A 95 14.63 11.83 -0.58
C PHE A 95 15.84 11.07 -1.16
N CYS A 96 15.56 9.89 -1.74
CA CYS A 96 16.61 9.03 -2.28
C CYS A 96 16.82 9.22 -3.77
N SER A 97 16.52 10.40 -4.28
CA SER A 97 16.71 10.74 -5.73
C SER A 97 15.95 9.82 -6.73
N ARG A 98 14.84 9.26 -6.25
CA ARG A 98 13.90 8.52 -7.07
C ARG A 98 14.50 7.26 -7.74
N LYS A 99 15.46 6.63 -7.07
CA LYS A 99 15.87 5.29 -7.50
C LYS A 99 16.41 4.59 -6.26
N LEU A 100 15.93 3.37 -5.94
CA LEU A 100 16.44 2.70 -4.71
C LEU A 100 17.34 1.50 -5.06
N SER A 101 18.39 1.28 -4.28
CA SER A 101 19.34 0.19 -4.46
C SER A 101 18.56 -1.15 -4.44
N LEU A 102 19.11 -2.16 -5.08
CA LEU A 102 18.53 -3.50 -5.01
C LEU A 102 18.41 -3.98 -3.52
N LYS A 103 19.43 -3.71 -2.73
CA LYS A 103 19.39 -4.14 -1.32
C LYS A 103 18.17 -3.60 -0.54
N THR A 104 17.95 -2.29 -0.66
CA THR A 104 16.78 -1.64 -0.15
C THR A 104 15.45 -2.25 -0.69
N VAL A 105 15.40 -2.49 -2.00
CA VAL A 105 14.18 -3.03 -2.63
C VAL A 105 13.89 -4.45 -2.05
N LEU A 106 14.94 -5.24 -1.86
CA LEU A 106 14.74 -6.66 -1.30
C LEU A 106 14.37 -6.62 0.20
N MET A 107 14.93 -5.69 0.98
CA MET A 107 14.54 -5.56 2.43
C MET A 107 13.05 -5.12 2.51
N LEU A 108 12.68 -4.14 1.69
CA LEU A 108 11.26 -3.77 1.53
C LEU A 108 10.38 -4.89 1.08
N ALA A 109 10.81 -5.69 0.05
CA ALA A 109 9.89 -6.62 -0.55
C ALA A 109 9.45 -7.64 0.55
N ASP A 110 10.37 -7.95 1.41
CA ASP A 110 10.17 -9.03 2.44
C ASP A 110 9.07 -8.62 3.41
N GLN A 111 9.17 -7.38 3.86
CA GLN A 111 8.11 -6.84 4.68
C GLN A 111 6.80 -6.60 3.97
N MET A 112 6.83 -6.04 2.75
CA MET A 112 5.62 -5.74 2.03
C MET A 112 4.83 -6.98 1.65
N ILE A 113 5.54 -8.03 1.29
CA ILE A 113 4.87 -9.29 0.96
C ILE A 113 4.21 -9.81 2.28
N ASN A 114 4.90 -9.62 3.40
CA ASN A 114 4.32 -10.07 4.68
C ASN A 114 3.06 -9.26 4.96
N ARG A 115 3.07 -7.95 4.64
CA ARG A 115 1.92 -7.14 5.05
C ARG A 115 0.75 -7.56 4.19
N VAL A 116 0.98 -7.77 2.91
CA VAL A 116 -0.08 -8.24 2.02
C VAL A 116 -0.66 -9.62 2.45
N GLU A 117 0.21 -10.55 2.81
CA GLU A 117 -0.22 -11.88 3.19
C GLU A 117 -1.13 -11.76 4.46
N PHE A 118 -0.69 -10.95 5.42
CA PHE A 118 -1.48 -10.65 6.61
C PHE A 118 -2.86 -10.10 6.33
N VAL A 119 -2.99 -9.05 5.52
CA VAL A 119 -4.28 -8.53 5.17
C VAL A 119 -5.11 -9.60 4.52
N HIS A 120 -4.53 -10.34 3.58
CA HIS A 120 -5.25 -11.41 2.91
C HIS A 120 -5.65 -12.53 3.94
N SER A 121 -4.81 -12.80 4.94
CA SER A 121 -5.14 -13.83 5.99
C SER A 121 -6.40 -13.47 6.82
N LYS A 122 -6.75 -12.21 6.84
CA LYS A 122 -7.94 -11.74 7.52
C LYS A 122 -9.08 -11.59 6.56
N SER A 123 -8.91 -12.16 5.34
CA SER A 123 -9.94 -12.25 4.30
C SER A 123 -10.18 -10.95 3.53
N PHE A 124 -9.22 -10.00 3.55
CA PHE A 124 -9.46 -8.73 2.79
C PHE A 124 -8.46 -8.54 1.67
N LEU A 125 -8.86 -7.83 0.61
CA LEU A 125 -7.90 -7.30 -0.38
C LEU A 125 -7.70 -5.85 -0.05
N HIS A 126 -6.53 -5.32 -0.37
CA HIS A 126 -6.25 -3.98 -0.04
C HIS A 126 -6.75 -3.09 -1.21
N ARG A 127 -6.30 -3.48 -2.41
CA ARG A 127 -6.80 -2.92 -3.70
C ARG A 127 -6.32 -1.55 -4.02
N ASP A 128 -5.46 -0.96 -3.21
CA ASP A 128 -4.74 0.27 -3.69
C ASP A 128 -3.28 0.24 -3.24
N ILE A 129 -2.53 -0.74 -3.72
CA ILE A 129 -1.15 -0.99 -3.26
C ILE A 129 -0.34 0.03 -4.03
N LYS A 130 0.36 0.94 -3.33
CA LYS A 130 1.11 2.00 -3.97
C LYS A 130 2.12 2.54 -2.97
N PRO A 131 3.19 3.22 -3.46
CA PRO A 131 4.16 3.62 -2.43
C PRO A 131 3.65 4.55 -1.32
N ASP A 132 2.63 5.37 -1.62
CA ASP A 132 2.11 6.30 -0.61
C ASP A 132 1.40 5.60 0.57
N ASN A 133 1.05 4.33 0.36
CA ASN A 133 0.26 3.56 1.33
C ASN A 133 1.11 2.66 2.16
N PHE A 134 2.43 2.88 2.09
CA PHE A 134 3.33 2.24 3.00
C PHE A 134 4.16 3.28 3.73
N LEU A 135 4.17 3.23 5.07
CA LEU A 135 4.88 4.28 5.82
C LEU A 135 5.89 3.66 6.76
N MET A 136 7.02 4.30 6.98
CA MET A 136 7.96 3.77 7.98
C MET A 136 7.46 4.16 9.39
N GLY A 137 7.83 3.36 10.36
CA GLY A 137 7.40 3.62 11.75
C GLY A 137 8.31 4.66 12.37
N LEU A 138 8.02 4.97 13.61
CA LEU A 138 8.68 6.05 14.30
C LEU A 138 9.60 5.49 15.34
N GLY A 139 10.66 6.25 15.61
CA GLY A 139 11.60 5.95 16.71
C GLY A 139 12.17 4.56 16.54
N ARG A 140 11.86 3.72 17.53
CA ARG A 140 12.31 2.34 17.59
C ARG A 140 11.71 1.40 16.52
N ARG A 141 10.62 1.83 15.88
CA ARG A 141 10.07 1.01 14.84
C ARG A 141 10.42 1.57 13.45
N ALA A 142 11.40 2.46 13.42
CA ALA A 142 11.91 3.12 12.20
C ALA A 142 12.25 2.17 11.05
N ASN A 143 12.57 0.92 11.40
CA ASN A 143 12.97 -0.12 10.42
C ASN A 143 11.75 -0.96 9.94
N GLN A 144 10.55 -0.74 10.52
CA GLN A 144 9.35 -1.47 10.12
C GLN A 144 8.47 -0.71 9.17
N VAL A 145 8.05 -1.45 8.15
CA VAL A 145 7.19 -0.91 7.08
C VAL A 145 5.71 -1.12 7.53
N TYR A 146 4.94 -0.05 7.56
CA TYR A 146 3.48 -0.16 7.84
C TYR A 146 2.66 -0.02 6.56
N ILE A 147 1.47 -0.63 6.58
CA ILE A 147 0.54 -0.49 5.49
C ILE A 147 -0.65 0.30 6.01
N ILE A 148 -1.08 1.29 5.22
CA ILE A 148 -2.21 2.11 5.63
C ILE A 148 -3.26 2.20 4.48
N ASP A 149 -4.35 2.94 4.76
CA ASP A 149 -5.43 3.33 3.82
C ASP A 149 -6.22 2.16 3.31
N PHE A 150 -7.17 1.74 4.14
CA PHE A 150 -8.07 0.64 3.78
C PHE A 150 -9.37 1.13 3.19
N GLY A 151 -9.34 2.36 2.64
CA GLY A 151 -10.50 2.98 2.04
C GLY A 151 -11.07 2.22 0.86
N LEU A 152 -10.23 1.52 0.08
CA LEU A 152 -10.74 0.75 -1.03
C LEU A 152 -10.83 -0.72 -0.65
N ALA A 153 -10.48 -1.12 0.57
CA ALA A 153 -10.45 -2.58 0.90
C ALA A 153 -11.77 -3.29 0.66
N LYS A 154 -11.67 -4.59 0.39
CA LYS A 154 -12.88 -5.40 0.25
C LYS A 154 -12.62 -6.84 0.62
N LYS A 155 -13.63 -7.43 1.26
CA LYS A 155 -13.61 -8.83 1.65
C LYS A 155 -13.67 -9.73 0.41
N TYR A 156 -12.74 -10.67 0.27
CA TYR A 156 -12.68 -11.57 -0.91
C TYR A 156 -13.17 -12.98 -0.56
N ARG A 157 -13.34 -13.27 0.72
CA ARG A 157 -13.85 -14.62 1.09
C ARG A 157 -14.62 -14.55 2.39
N ASP A 158 -15.49 -15.54 2.61
CA ASP A 158 -16.20 -15.71 3.88
C ASP A 158 -15.18 -16.05 4.95
N THR A 159 -15.20 -15.36 6.09
CA THR A 159 -14.17 -15.62 7.10
C THR A 159 -14.33 -16.96 7.80
N SER A 160 -15.51 -17.55 7.66
CA SER A 160 -15.80 -18.82 8.29
C SER A 160 -15.52 -20.01 7.35
N THR A 161 -16.02 -19.91 6.12
CA THR A 161 -15.99 -21.05 5.21
C THR A 161 -14.84 -21.00 4.19
N HIS A 162 -14.18 -19.84 4.10
CA HIS A 162 -13.23 -19.50 3.02
C HIS A 162 -13.80 -19.61 1.62
N GLN A 163 -15.12 -19.60 1.48
CA GLN A 163 -15.76 -19.49 0.19
C GLN A 163 -15.39 -18.15 -0.44
N HIS A 164 -14.74 -18.20 -1.59
CA HIS A 164 -14.18 -16.99 -2.24
C HIS A 164 -15.31 -16.25 -2.92
N ILE A 165 -15.28 -14.92 -2.96
CA ILE A 165 -16.25 -14.17 -3.77
C ILE A 165 -16.29 -14.70 -5.22
N PRO A 166 -17.44 -14.50 -5.93
CA PRO A 166 -17.54 -14.97 -7.31
C PRO A 166 -16.86 -14.09 -8.32
N TYR A 167 -16.58 -14.67 -9.48
CA TYR A 167 -15.97 -13.98 -10.58
C TYR A 167 -16.98 -13.01 -11.23
N ARG A 168 -16.49 -11.88 -11.73
CA ARG A 168 -17.31 -10.79 -12.25
C ARG A 168 -16.43 -10.05 -13.25
N GLU A 169 -17.02 -9.41 -14.27
CA GLU A 169 -16.26 -8.78 -15.37
C GLU A 169 -16.57 -7.37 -15.87
N ASN A 170 -17.53 -6.64 -15.39
CA ASN A 170 -17.71 -5.38 -16.14
C ASN A 170 -17.64 -4.18 -15.25
N LYS A 171 -16.58 -4.17 -14.45
CA LYS A 171 -16.43 -3.22 -13.40
C LYS A 171 -15.75 -1.99 -13.91
N ASN A 172 -16.02 -0.92 -13.19
CA ASN A 172 -15.31 0.32 -13.30
C ASN A 172 -13.91 0.23 -12.71
N LEU A 173 -13.00 1.02 -13.26
CA LEU A 173 -11.62 0.98 -12.81
C LEU A 173 -11.43 1.77 -11.51
N THR A 174 -10.64 1.23 -10.58
CA THR A 174 -10.72 1.70 -9.18
C THR A 174 -9.37 1.88 -8.45
N GLY A 175 -8.28 1.43 -9.02
CA GLY A 175 -7.04 1.74 -8.33
C GLY A 175 -6.47 3.10 -8.63
N THR A 176 -5.18 3.18 -8.44
CA THR A 176 -4.35 4.25 -8.90
C THR A 176 -3.83 3.70 -10.23
N ALA A 177 -4.10 4.37 -11.34
CA ALA A 177 -3.70 3.83 -12.64
C ALA A 177 -2.23 3.37 -12.76
N ARG A 178 -1.30 4.11 -12.19
CA ARG A 178 0.10 3.78 -12.43
C ARG A 178 0.41 2.34 -11.85
N TYR A 179 -0.28 1.95 -10.77
CA TYR A 179 0.07 0.62 -10.10
C TYR A 179 -0.98 -0.47 -10.25
N ALA A 180 -2.15 -0.12 -10.81
CA ALA A 180 -3.26 -1.10 -11.02
C ALA A 180 -2.86 -2.32 -11.83
N SER A 181 -3.42 -3.48 -11.48
CA SER A 181 -3.16 -4.70 -12.24
C SER A 181 -3.80 -4.60 -13.64
N VAL A 182 -3.26 -5.34 -14.62
CA VAL A 182 -3.89 -5.42 -15.95
C VAL A 182 -5.36 -5.83 -15.84
N ASN A 183 -5.64 -6.90 -15.09
CA ASN A 183 -7.04 -7.31 -14.90
C ASN A 183 -7.94 -6.17 -14.37
N THR A 184 -7.37 -5.31 -13.52
CA THR A 184 -8.11 -4.15 -13.04
C THR A 184 -8.48 -3.18 -14.18
N HIS A 185 -7.52 -2.92 -15.06
CA HIS A 185 -7.80 -2.06 -16.26
C HIS A 185 -8.88 -2.67 -17.14
N LEU A 186 -8.93 -3.99 -17.13
CA LEU A 186 -9.83 -4.75 -17.99
C LEU A 186 -11.23 -4.87 -17.41
N GLY A 187 -11.41 -4.35 -16.19
CA GLY A 187 -12.72 -4.34 -15.53
C GLY A 187 -13.06 -5.67 -14.86
N ILE A 188 -12.04 -6.47 -14.61
CA ILE A 188 -12.26 -7.78 -13.97
C ILE A 188 -12.21 -7.62 -12.44
N GLU A 189 -13.05 -8.39 -11.71
CA GLU A 189 -13.07 -8.38 -10.24
C GLU A 189 -11.65 -8.66 -9.67
N GLN A 190 -11.19 -7.83 -8.74
CA GLN A 190 -9.87 -8.03 -8.16
C GLN A 190 -9.91 -9.15 -7.14
N SER A 191 -8.78 -9.85 -7.04
CA SER A 191 -8.60 -10.87 -6.01
C SER A 191 -7.17 -10.72 -5.45
N ARG A 192 -6.68 -11.76 -4.81
CA ARG A 192 -5.38 -11.70 -4.13
C ARG A 192 -4.25 -11.46 -5.12
N ARG A 193 -4.39 -12.02 -6.31
CA ARG A 193 -3.30 -11.93 -7.29
C ARG A 193 -3.11 -10.49 -7.72
N ASP A 194 -4.19 -9.72 -7.80
CA ASP A 194 -4.05 -8.30 -8.19
C ASP A 194 -3.28 -7.49 -7.17
N ASP A 195 -3.48 -7.72 -5.84
CA ASP A 195 -2.68 -7.01 -4.82
C ASP A 195 -1.21 -7.35 -5.05
N LEU A 196 -0.92 -8.61 -5.36
CA LEU A 196 0.49 -8.98 -5.54
C LEU A 196 1.05 -8.38 -6.87
N GLU A 197 0.26 -8.27 -7.89
CA GLU A 197 0.83 -7.76 -9.14
C GLU A 197 1.14 -6.26 -8.95
N SER A 198 0.24 -5.54 -8.29
CA SER A 198 0.47 -4.11 -7.94
C SER A 198 1.74 -3.90 -7.10
N LEU A 199 1.97 -4.79 -6.12
CA LEU A 199 3.18 -4.70 -5.31
C LEU A 199 4.43 -4.89 -6.21
N GLY A 200 4.34 -5.80 -7.17
CA GLY A 200 5.43 -6.01 -8.15
C GLY A 200 5.72 -4.69 -8.89
N TYR A 201 4.69 -4.04 -9.41
CA TYR A 201 4.89 -2.68 -9.99
C TYR A 201 5.50 -1.70 -9.02
N VAL A 202 5.10 -1.75 -7.73
CA VAL A 202 5.68 -0.85 -6.79
C VAL A 202 7.15 -1.12 -6.70
N LEU A 203 7.52 -2.38 -6.57
CA LEU A 203 8.94 -2.72 -6.43
C LEU A 203 9.76 -2.32 -7.68
N MET A 204 9.21 -2.52 -8.88
CA MET A 204 9.94 -2.15 -10.10
C MET A 204 10.05 -0.63 -10.27
N TYR A 205 9.04 0.10 -9.82
CA TYR A 205 9.10 1.60 -9.78
C TYR A 205 10.31 2.02 -8.91
N PHE A 206 10.46 1.43 -7.73
CA PHE A 206 11.64 1.76 -6.92
C PHE A 206 12.98 1.37 -7.57
N LEU A 207 13.05 0.18 -8.15
CA LEU A 207 14.27 -0.39 -8.58
C LEU A 207 14.67 0.27 -9.92
N ARG A 208 13.70 0.56 -10.78
CA ARG A 208 14.03 1.05 -12.13
C ARG A 208 14.09 2.60 -12.07
N GLY A 209 13.34 3.19 -11.15
CA GLY A 209 13.24 4.67 -11.01
C GLY A 209 11.94 5.19 -11.65
N SER A 210 11.36 4.43 -12.58
CA SER A 210 10.07 4.74 -13.22
C SER A 210 9.47 3.47 -13.84
N LEU A 211 8.17 3.49 -14.16
CA LEU A 211 7.60 2.43 -14.92
C LEU A 211 7.34 2.92 -16.36
N PRO A 212 7.32 1.98 -17.34
CA PRO A 212 7.33 2.50 -18.75
C PRO A 212 6.00 3.17 -19.19
N TRP A 213 4.93 3.09 -18.39
CA TRP A 213 3.65 3.72 -18.66
C TRP A 213 3.40 5.01 -17.84
N GLN A 214 4.43 5.54 -17.21
CA GLN A 214 4.38 6.87 -16.64
C GLN A 214 4.61 7.89 -17.75
N GLY A 215 4.07 9.10 -17.53
CA GLY A 215 4.35 10.25 -18.37
C GLY A 215 3.75 10.09 -19.76
N LEU A 216 2.68 9.30 -19.90
CA LEU A 216 2.00 9.12 -21.20
C LEU A 216 1.13 10.34 -21.48
N LYS A 217 1.08 10.77 -22.74
CA LYS A 217 0.32 12.00 -22.99
C LYS A 217 -1.08 11.70 -23.54
N ALA A 218 -2.10 12.37 -23.00
CA ALA A 218 -3.49 12.24 -23.47
C ALA A 218 -4.24 13.52 -23.23
N GLY A 219 -5.49 13.54 -23.69
CA GLY A 219 -6.34 14.72 -23.61
C GLY A 219 -7.10 14.81 -22.31
N THR A 220 -7.52 13.68 -21.77
CA THR A 220 -8.31 13.68 -20.55
C THR A 220 -7.98 12.39 -19.82
N LYS A 221 -8.29 12.36 -18.53
CA LYS A 221 -7.96 11.23 -17.68
C LYS A 221 -8.39 9.88 -18.24
N LYS A 222 -9.63 9.78 -18.69
CA LYS A 222 -10.15 8.54 -19.20
C LYS A 222 -9.36 8.08 -20.45
N GLN A 223 -8.92 9.03 -21.27
CA GLN A 223 -8.07 8.66 -22.40
C GLN A 223 -6.70 8.23 -21.84
N LYS A 224 -6.20 8.94 -20.81
CA LYS A 224 -4.83 8.65 -20.34
C LYS A 224 -4.85 7.26 -19.69
N TYR A 225 -5.93 6.99 -18.98
CA TYR A 225 -6.11 5.67 -18.42
C TYR A 225 -6.08 4.53 -19.45
N GLU A 226 -6.74 4.72 -20.60
CA GLU A 226 -6.70 3.71 -21.66
C GLU A 226 -5.31 3.56 -22.25
N LYS A 227 -4.60 4.67 -22.43
CA LYS A 227 -3.20 4.57 -22.86
C LYS A 227 -2.33 3.79 -21.87
N ILE A 228 -2.58 4.00 -20.59
CA ILE A 228 -1.85 3.29 -19.53
C ILE A 228 -2.19 1.79 -19.66
N SER A 229 -3.45 1.41 -19.84
CA SER A 229 -3.74 -0.08 -19.88
C SER A 229 -3.03 -0.66 -21.06
N GLU A 230 -3.10 0.07 -22.19
CA GLU A 230 -2.51 -0.45 -23.45
C GLU A 230 -1.02 -0.65 -23.29
N LYS A 231 -0.30 0.35 -22.77
CA LYS A 231 1.16 0.23 -22.54
C LYS A 231 1.56 -0.95 -21.58
N LYS A 232 0.80 -1.11 -20.50
CA LYS A 232 0.96 -2.28 -19.63
C LYS A 232 0.85 -3.61 -20.41
N VAL A 233 -0.24 -3.77 -21.15
CA VAL A 233 -0.41 -4.97 -21.99
C VAL A 233 0.72 -5.11 -23.01
N ALA A 234 1.15 -3.99 -23.59
CA ALA A 234 2.24 -4.01 -24.58
C ALA A 234 3.67 -4.16 -24.04
N THR A 235 3.87 -4.06 -22.70
CA THR A 235 5.20 -4.21 -22.09
C THR A 235 5.33 -5.65 -21.56
N SER A 236 6.18 -6.46 -22.20
CA SER A 236 6.36 -7.84 -21.77
C SER A 236 7.05 -7.86 -20.37
N ILE A 237 6.96 -8.98 -19.66
CA ILE A 237 7.64 -9.10 -18.38
C ILE A 237 9.16 -8.96 -18.61
N GLU A 238 9.65 -9.59 -19.69
CA GLU A 238 11.07 -9.50 -20.05
C GLU A 238 11.52 -8.05 -20.16
N ALA A 239 10.73 -7.24 -20.87
CA ALA A 239 11.04 -5.83 -21.11
C ALA A 239 10.99 -5.02 -19.84
N LEU A 240 9.96 -5.23 -19.02
CA LEU A 240 9.92 -4.56 -17.73
C LEU A 240 11.09 -4.86 -16.83
N CYS A 241 11.52 -6.12 -16.80
CA CYS A 241 12.57 -6.59 -15.88
C CYS A 241 13.97 -6.61 -16.52
N ARG A 242 14.05 -6.18 -17.79
CA ARG A 242 15.36 -6.24 -18.51
C ARG A 242 16.49 -5.52 -17.84
N GLY A 243 17.58 -6.25 -17.64
CA GLY A 243 18.77 -5.78 -16.96
C GLY A 243 18.68 -5.83 -15.42
N TYR A 244 17.58 -6.37 -14.89
CA TYR A 244 17.40 -6.50 -13.43
C TYR A 244 17.45 -8.00 -13.06
N PRO A 245 17.59 -8.33 -11.77
CA PRO A 245 17.68 -9.79 -11.50
C PRO A 245 16.48 -10.59 -11.96
N THR A 246 16.74 -11.84 -12.33
CA THR A 246 15.68 -12.68 -12.89
C THR A 246 14.51 -12.93 -11.91
N GLU A 247 14.83 -12.85 -10.63
CA GLU A 247 13.87 -12.99 -9.57
C GLU A 247 12.64 -12.05 -9.78
N PHE A 248 12.84 -10.82 -10.28
CA PHE A 248 11.72 -9.92 -10.55
C PHE A 248 10.82 -10.40 -11.69
N ALA A 249 11.39 -10.94 -12.78
CA ALA A 249 10.58 -11.53 -13.85
C ALA A 249 9.78 -12.72 -13.30
N SER A 250 10.43 -13.55 -12.46
CA SER A 250 9.77 -14.76 -11.91
C SER A 250 8.63 -14.35 -10.97
N TYR A 251 8.81 -13.25 -10.27
CA TYR A 251 7.73 -12.68 -9.49
C TYR A 251 6.51 -12.42 -10.40
N PHE A 252 6.70 -11.73 -11.52
CA PHE A 252 5.56 -11.46 -12.39
C PHE A 252 5.02 -12.67 -13.08
N HIS A 253 5.89 -13.60 -13.46
CA HIS A 253 5.38 -14.84 -14.03
C HIS A 253 4.48 -15.57 -13.09
N TYR A 254 4.84 -15.57 -11.81
CA TYR A 254 4.07 -16.29 -10.83
C TYR A 254 2.72 -15.62 -10.69
N CYS A 255 2.69 -14.26 -10.57
CA CYS A 255 1.42 -13.53 -10.45
C CYS A 255 0.46 -13.85 -11.63
N ARG A 256 1.04 -13.92 -12.84
CA ARG A 256 0.29 -14.12 -14.04
C ARG A 256 -0.29 -15.55 -14.09
N SER A 257 0.34 -16.47 -13.37
CA SER A 257 -0.07 -17.88 -13.30
C SER A 257 -1.24 -18.08 -12.38
N LEU A 258 -1.58 -17.06 -11.58
CA LEU A 258 -2.64 -17.28 -10.58
C LEU A 258 -4.03 -17.14 -11.17
N ARG A 259 -4.85 -18.16 -10.93
CA ARG A 259 -6.28 -18.03 -11.32
C ARG A 259 -7.01 -17.12 -10.30
N PHE A 260 -8.25 -16.76 -10.62
CA PHE A 260 -8.99 -15.70 -9.93
C PHE A 260 -8.99 -16.03 -8.46
N ASP A 261 -9.38 -17.28 -8.15
CA ASP A 261 -9.50 -17.62 -6.72
C ASP A 261 -8.32 -18.31 -6.06
N ASP A 262 -7.18 -18.46 -6.77
CA ASP A 262 -6.03 -19.18 -6.17
C ASP A 262 -5.51 -18.44 -4.96
N LYS A 263 -5.07 -19.23 -3.98
CA LYS A 263 -4.33 -18.70 -2.83
C LYS A 263 -2.86 -18.59 -3.21
N PRO A 264 -2.28 -17.37 -3.09
CA PRO A 264 -0.88 -17.23 -3.56
C PRO A 264 0.08 -18.01 -2.68
N ASP A 265 1.17 -18.49 -3.27
CA ASP A 265 2.26 -19.01 -2.42
C ASP A 265 3.23 -17.91 -2.01
N TYR A 266 2.86 -17.13 -0.98
CA TYR A 266 3.68 -16.00 -0.52
C TYR A 266 5.10 -16.47 -0.19
N SER A 267 5.27 -17.68 0.42
CA SER A 267 6.60 -18.26 0.76
C SER A 267 7.48 -18.34 -0.45
N TYR A 268 6.94 -18.81 -1.54
CA TYR A 268 7.70 -18.94 -2.74
C TYR A 268 8.25 -17.56 -3.19
N LEU A 269 7.37 -16.56 -3.19
CA LEU A 269 7.81 -15.18 -3.63
C LEU A 269 8.86 -14.62 -2.70
N LYS A 270 8.62 -14.73 -1.40
CA LYS A 270 9.61 -14.26 -0.43
C LYS A 270 10.94 -14.99 -0.57
N ARG A 271 10.89 -16.31 -0.75
CA ARG A 271 12.08 -17.09 -0.96
C ARG A 271 12.89 -16.62 -2.20
N LEU A 272 12.22 -16.32 -3.27
CA LEU A 272 12.98 -15.80 -4.42
C LEU A 272 13.88 -14.65 -3.98
N PHE A 273 13.32 -13.67 -3.27
CA PHE A 273 14.04 -12.44 -2.99
C PHE A 273 15.00 -12.70 -1.89
N ARG A 274 14.65 -13.60 -0.96
CA ARG A 274 15.56 -13.89 0.18
C ARG A 274 16.83 -14.59 -0.36
N ASP A 275 16.66 -15.56 -1.28
CA ASP A 275 17.83 -16.24 -1.83
C ASP A 275 18.70 -15.30 -2.66
N LEU A 276 18.06 -14.41 -3.40
CA LEU A 276 18.82 -13.39 -4.12
C LEU A 276 19.62 -12.51 -3.14
N PHE A 277 18.97 -12.03 -2.07
CA PHE A 277 19.65 -11.23 -1.07
C PHE A 277 20.93 -11.90 -0.53
N ILE A 278 20.82 -13.18 -0.18
CA ILE A 278 21.94 -13.95 0.36
C ILE A 278 23.07 -14.04 -0.69
N ARG A 279 22.68 -14.37 -1.92
CA ARG A 279 23.63 -14.58 -3.01
C ARG A 279 24.39 -13.31 -3.34
N GLU A 280 23.76 -12.16 -3.14
CA GLU A 280 24.43 -10.87 -3.38
C GLU A 280 25.46 -10.48 -2.31
N GLY A 281 25.41 -11.18 -1.17
CA GLY A 281 26.23 -10.92 -0.01
C GLY A 281 25.80 -9.76 0.87
N PHE A 282 24.56 -9.30 0.73
CA PHE A 282 24.20 -8.09 1.45
C PHE A 282 24.04 -8.47 2.90
N GLN A 283 24.27 -7.52 3.80
CA GLN A 283 23.84 -7.82 5.17
C GLN A 283 22.45 -7.25 5.45
N PHE A 284 21.62 -8.09 6.05
CA PHE A 284 20.27 -7.71 6.41
C PHE A 284 20.30 -6.95 7.74
N ASP A 285 20.58 -5.65 7.65
CA ASP A 285 20.82 -4.81 8.80
C ASP A 285 19.66 -3.88 8.68
N TYR A 286 19.47 -2.81 9.36
CA TYR A 286 18.15 -2.41 8.55
C TYR A 286 18.43 -1.11 7.81
N VAL A 287 19.51 -1.12 7.05
CA VAL A 287 20.12 0.11 6.62
C VAL A 287 19.65 0.36 5.22
N PHE A 288 18.53 1.07 5.12
CA PHE A 288 17.94 1.37 3.82
C PHE A 288 18.70 2.54 3.20
N ASP A 289 18.41 2.85 1.94
CA ASP A 289 19.17 3.98 1.29
C ASP A 289 19.02 5.23 2.09
N TRP A 290 17.82 5.50 2.58
CA TRP A 290 17.60 6.71 3.36
C TRP A 290 18.27 6.68 4.71
N THR A 291 18.37 5.49 5.33
CA THR A 291 19.11 5.33 6.56
C THR A 291 20.63 5.70 6.38
N ILE A 292 21.32 5.15 5.37
CA ILE A 292 22.72 5.51 5.13
C ILE A 292 22.87 7.00 4.80
N LEU A 293 21.90 7.52 4.03
CA LEU A 293 21.94 8.93 3.58
C LEU A 293 21.85 9.95 4.73
N LYS A 294 21.04 9.63 5.75
CA LYS A 294 20.85 10.50 6.92
C LYS A 294 21.98 10.39 7.93
N TYR A 295 23.08 9.77 7.55
CA TYR A 295 24.16 9.51 8.48
C TYR A 295 25.40 8.92 7.82
#